data_3RD4
#
_entry.id   3RD4
#
_cell.length_a   138.415
_cell.length_b   91.365
_cell.length_c   52.198
_cell.angle_alpha   90.00
_cell.angle_beta   104.97
_cell.angle_gamma   90.00
#
_symmetry.space_group_name_H-M   'C 1 2 1'
#
loop_
_entity.id
_entity.type
_entity.pdbx_description
1 polymer 'uncharacterized protein'
2 water water
#
_entity_poly.entity_id   1
_entity_poly.type   'polypeptide(L)'
_entity_poly.pdbx_seq_one_letter_code
;MAPVKLYMVEVIDKKEIAANERRSRENDVTGPEITHYYQVTFRLTTDDRKDLVLNIDKSSYQNIEPEMKGRLFMQGSRFV
QFETDVPIDEQKLEHHHHHH
;
_entity_poly.pdbx_strand_id   A,B,C,D
#
# COMPACT_ATOMS: atom_id res chain seq x y z
N ALA A 2 27.21 -17.91 -4.82
CA ALA A 2 26.93 -16.44 -4.89
C ALA A 2 27.54 -15.74 -3.67
N PRO A 3 27.69 -14.40 -3.75
CA PRO A 3 28.26 -13.61 -2.66
C PRO A 3 27.17 -12.86 -1.87
N VAL A 4 27.50 -12.36 -0.69
CA VAL A 4 26.54 -11.61 0.12
C VAL A 4 26.44 -10.20 -0.45
N LYS A 5 25.27 -9.83 -0.94
CA LYS A 5 25.08 -8.51 -1.51
C LYS A 5 24.35 -7.59 -0.55
N LEU A 6 24.64 -6.30 -0.65
CA LEU A 6 24.03 -5.32 0.25
C LEU A 6 22.87 -4.60 -0.42
N TYR A 7 21.80 -4.39 0.33
CA TYR A 7 20.62 -3.70 -0.20
C TYR A 7 20.14 -2.67 0.78
N MET A 8 20.03 -1.42 0.33
CA MET A 8 19.55 -0.32 1.18
C MET A 8 18.03 -0.39 1.12
N VAL A 9 17.40 -0.64 2.27
CA VAL A 9 15.98 -0.86 2.30
C VAL A 9 15.23 -0.30 3.51
N GLU A 10 13.91 -0.39 3.47
CA GLU A 10 13.03 0.06 4.53
C GLU A 10 12.02 -1.06 4.81
N VAL A 11 11.71 -1.29 6.08
CA VAL A 11 10.79 -2.36 6.48
C VAL A 11 9.35 -1.94 6.35
N ILE A 12 8.61 -2.60 5.45
CA ILE A 12 7.19 -2.29 5.25
C ILE A 12 6.25 -3.25 5.95
N ASP A 13 6.52 -4.55 5.82
CA ASP A 13 5.66 -5.55 6.41
C ASP A 13 6.34 -6.46 7.42
N LYS A 14 5.55 -7.33 8.03
CA LYS A 14 6.04 -8.27 9.02
C LYS A 14 4.84 -9.11 9.43
N LYS A 15 4.92 -10.42 9.26
CA LYS A 15 3.80 -11.29 9.65
C LYS A 15 4.16 -12.77 9.72
N GLU A 16 3.50 -13.51 10.60
CA GLU A 16 3.75 -14.94 10.71
C GLU A 16 2.76 -15.69 9.85
N ILE A 17 3.26 -16.68 9.11
CA ILE A 17 2.43 -17.48 8.24
C ILE A 17 2.54 -18.90 8.75
N ALA A 18 1.41 -19.52 9.09
CA ALA A 18 1.41 -20.89 9.60
C ALA A 18 0.91 -21.83 8.52
N ALA A 19 1.47 -21.67 7.31
CA ALA A 19 1.10 -22.46 6.15
C ALA A 19 1.02 -23.97 6.40
N ASN A 20 -0.13 -24.56 6.06
CA ASN A 20 -0.38 -25.99 6.25
C ASN A 20 -0.50 -26.72 4.91
N GLU A 33 -0.40 -30.97 11.17
CA GLU A 33 0.25 -29.66 11.17
C GLU A 33 1.54 -29.71 10.34
N ILE A 34 1.98 -28.57 9.80
CA ILE A 34 3.22 -28.58 9.00
C ILE A 34 4.23 -27.43 9.26
N THR A 35 4.15 -26.35 8.49
CA THR A 35 5.13 -25.27 8.64
C THR A 35 4.74 -23.91 9.23
N HIS A 36 5.72 -23.23 9.81
CA HIS A 36 5.53 -21.91 10.39
C HIS A 36 6.53 -21.04 9.64
N TYR A 37 6.21 -19.76 9.46
CA TYR A 37 7.09 -18.86 8.72
C TYR A 37 7.19 -17.46 9.33
N TYR A 38 8.35 -16.84 9.20
CA TYR A 38 8.52 -15.50 9.71
C TYR A 38 8.96 -14.68 8.53
N GLN A 39 7.98 -14.06 7.90
CA GLN A 39 8.23 -13.27 6.71
C GLN A 39 8.13 -11.78 6.94
N VAL A 40 9.00 -11.03 6.28
CA VAL A 40 8.99 -9.58 6.41
C VAL A 40 9.21 -9.01 5.03
N THR A 41 8.49 -7.93 4.71
CA THR A 41 8.63 -7.32 3.39
C THR A 41 9.57 -6.13 3.42
N PHE A 42 10.76 -6.26 2.86
CA PHE A 42 11.72 -5.16 2.83
C PHE A 42 11.62 -4.47 1.49
N ARG A 43 11.24 -3.20 1.44
CA ARG A 43 11.15 -2.50 0.15
C ARG A 43 12.42 -1.73 -0.16
N LEU A 44 12.98 -1.92 -1.36
CA LEU A 44 14.19 -1.21 -1.76
C LEU A 44 14.02 0.28 -1.53
N THR A 45 15.06 0.91 -1.00
CA THR A 45 15.02 2.32 -0.66
C THR A 45 15.50 3.23 -1.79
N THR A 46 16.10 2.61 -2.81
CA THR A 46 16.61 3.32 -3.97
C THR A 46 15.52 3.58 -5.02
N ASP A 47 15.93 4.00 -6.21
CA ASP A 47 14.96 4.27 -7.28
C ASP A 47 14.32 2.98 -7.80
N ASP A 48 15.12 1.99 -8.19
CA ASP A 48 14.60 0.71 -8.70
C ASP A 48 13.48 0.18 -7.82
N ARG A 49 12.24 0.33 -8.28
CA ARG A 49 11.08 -0.11 -7.51
C ARG A 49 11.09 -1.62 -7.25
N LYS A 50 11.44 -2.03 -6.04
CA LYS A 50 11.50 -3.45 -5.72
C LYS A 50 11.28 -3.82 -4.25
N ASP A 51 10.44 -4.82 -4.01
CA ASP A 51 10.16 -5.29 -2.66
C ASP A 51 10.73 -6.71 -2.48
N LEU A 52 11.28 -6.97 -1.30
CA LEU A 52 11.82 -8.29 -1.01
C LEU A 52 11.03 -8.97 0.08
N VAL A 53 10.12 -9.86 -0.30
CA VAL A 53 9.37 -10.57 0.72
C VAL A 53 10.24 -11.79 1.06
N LEU A 54 10.95 -11.70 2.17
CA LEU A 54 11.86 -12.75 2.62
C LEU A 54 11.41 -13.57 3.81
N ASN A 55 11.87 -14.82 3.83
CA ASN A 55 11.62 -15.78 4.91
C ASN A 55 12.83 -15.57 5.80
N ILE A 56 12.63 -15.12 7.04
CA ILE A 56 13.75 -14.91 7.95
C ILE A 56 13.55 -15.66 9.26
N ASP A 57 14.58 -15.67 10.10
CA ASP A 57 14.55 -16.38 11.40
C ASP A 57 13.69 -15.74 12.49
N LYS A 58 13.12 -16.59 13.33
CA LYS A 58 12.28 -16.14 14.43
C LYS A 58 12.95 -14.99 15.15
N SER A 59 14.17 -15.22 15.63
CA SER A 59 14.93 -14.21 16.36
C SER A 59 15.05 -12.86 15.65
N SER A 60 15.63 -12.84 14.46
CA SER A 60 15.81 -11.60 13.71
C SER A 60 14.45 -10.90 13.52
N TYR A 61 13.40 -11.71 13.40
CA TYR A 61 12.05 -11.22 13.19
C TYR A 61 11.59 -10.28 14.29
N GLN A 62 11.75 -10.71 15.54
CA GLN A 62 11.30 -9.93 16.67
C GLN A 62 11.99 -8.59 16.84
N ASN A 63 13.27 -8.50 16.47
CA ASN A 63 13.99 -7.25 16.60
C ASN A 63 13.71 -6.31 15.45
N ILE A 64 12.95 -6.78 14.47
CA ILE A 64 12.63 -5.94 13.34
C ILE A 64 11.24 -5.38 13.55
N GLU A 65 11.07 -4.10 13.25
CA GLU A 65 9.78 -3.41 13.39
C GLU A 65 9.51 -2.60 12.14
N PRO A 66 8.24 -2.53 11.71
CA PRO A 66 7.86 -1.77 10.52
C PRO A 66 8.38 -0.34 10.55
N GLU A 67 8.75 0.16 9.38
CA GLU A 67 9.28 1.53 9.21
C GLU A 67 10.76 1.70 9.52
N MET A 68 11.40 0.63 9.99
CA MET A 68 12.84 0.67 10.28
C MET A 68 13.55 0.78 8.93
N LYS A 69 14.61 1.58 8.87
CA LYS A 69 15.36 1.72 7.63
C LYS A 69 16.79 1.33 7.94
N GLY A 70 17.32 0.37 7.19
CA GLY A 70 18.69 -0.07 7.43
C GLY A 70 19.36 -0.76 6.27
N ARG A 71 20.31 -1.64 6.57
CA ARG A 71 21.01 -2.37 5.53
C ARG A 71 20.57 -3.83 5.53
N LEU A 72 20.22 -4.33 4.36
CA LEU A 72 19.78 -5.72 4.23
C LEU A 72 20.88 -6.51 3.53
N PHE A 73 21.34 -7.57 4.19
CA PHE A 73 22.36 -8.44 3.62
C PHE A 73 21.75 -9.75 3.14
N MET A 74 21.81 -9.99 1.83
CA MET A 74 21.28 -11.22 1.25
C MET A 74 22.38 -12.04 0.56
N GLN A 75 22.22 -13.37 0.59
CA GLN A 75 23.13 -14.26 -0.09
C GLN A 75 22.28 -14.76 -1.24
N GLY A 76 22.20 -13.94 -2.28
CA GLY A 76 21.37 -14.29 -3.40
C GLY A 76 19.92 -14.01 -3.02
N SER A 77 19.18 -15.06 -2.70
CA SER A 77 17.77 -14.93 -2.36
C SER A 77 17.50 -15.27 -0.89
N ARG A 78 18.60 -15.50 -0.17
CA ARG A 78 18.55 -15.85 1.25
C ARG A 78 18.93 -14.68 2.16
N PHE A 79 18.12 -14.48 3.19
CA PHE A 79 18.32 -13.41 4.18
C PHE A 79 19.54 -13.72 5.06
N VAL A 80 20.49 -12.81 5.13
CA VAL A 80 21.65 -13.01 5.98
C VAL A 80 21.63 -12.14 7.23
N GLN A 81 21.27 -10.88 7.06
CA GLN A 81 21.21 -9.95 8.19
C GLN A 81 20.56 -8.62 7.87
N PHE A 82 20.08 -7.97 8.92
CA PHE A 82 19.48 -6.65 8.81
C PHE A 82 20.01 -5.77 9.93
N GLU A 83 20.61 -4.65 9.55
CA GLU A 83 21.17 -3.73 10.52
C GLU A 83 20.48 -2.37 10.41
N THR A 84 19.61 -2.08 11.36
CA THR A 84 18.90 -0.82 11.36
C THR A 84 19.86 0.32 11.68
N ASP A 85 19.41 1.54 11.41
CA ASP A 85 20.17 2.76 11.66
C ASP A 85 19.59 3.38 12.94
N VAL A 86 19.92 2.79 14.10
CA VAL A 86 19.41 3.24 15.41
C VAL A 86 19.62 4.74 15.65
N PRO A 87 18.89 5.27 16.63
CA PRO A 87 18.97 6.69 16.99
C PRO A 87 20.11 6.97 17.96
N ILE A 88 21.10 7.72 17.47
CA ILE A 88 22.31 8.12 18.23
C ILE A 88 23.15 9.12 17.42
N ASP A 89 24.22 9.61 18.04
CA ASP A 89 25.14 10.57 17.42
C ASP A 89 24.47 11.90 16.98
N ALA B 2 -15.85 -9.00 20.40
CA ALA B 2 -15.94 -8.47 19.00
C ALA B 2 -17.21 -7.64 18.79
N PRO B 3 -17.38 -6.55 19.57
CA PRO B 3 -18.57 -5.69 19.47
C PRO B 3 -18.75 -5.03 18.10
N VAL B 4 -19.91 -4.44 17.89
CA VAL B 4 -20.24 -3.80 16.63
C VAL B 4 -20.57 -2.33 16.80
N LYS B 5 -19.66 -1.45 16.38
CA LYS B 5 -19.86 -0.01 16.50
C LYS B 5 -20.54 0.64 15.30
N LEU B 6 -21.04 1.85 15.52
CA LEU B 6 -21.68 2.63 14.46
C LEU B 6 -20.78 3.81 14.08
N TYR B 7 -20.84 4.20 12.81
CA TYR B 7 -20.07 5.32 12.31
C TYR B 7 -20.93 6.09 11.32
N MET B 8 -21.36 7.30 11.70
CA MET B 8 -22.16 8.14 10.80
C MET B 8 -21.17 8.51 9.72
N VAL B 9 -21.46 8.09 8.50
CA VAL B 9 -20.53 8.31 7.42
C VAL B 9 -21.11 8.83 6.12
N GLU B 10 -20.21 9.02 5.15
CA GLU B 10 -20.55 9.51 3.81
C GLU B 10 -19.69 8.74 2.82
N VAL B 11 -20.31 8.24 1.75
CA VAL B 11 -19.60 7.46 0.75
C VAL B 11 -18.83 8.39 -0.19
N ILE B 12 -17.50 8.32 -0.13
CA ILE B 12 -16.66 9.16 -0.98
C ILE B 12 -16.16 8.47 -2.23
N ASP B 13 -15.71 7.23 -2.11
CA ASP B 13 -15.15 6.53 -3.26
C ASP B 13 -15.72 5.13 -3.46
N LYS B 14 -15.33 4.49 -4.56
CA LYS B 14 -15.80 3.16 -4.87
C LYS B 14 -14.98 2.63 -6.05
N LYS B 15 -14.37 1.46 -5.91
CA LYS B 15 -13.57 0.88 -6.99
C LYS B 15 -13.41 -0.62 -6.87
N GLU B 16 -13.35 -1.30 -8.01
CA GLU B 16 -13.17 -2.74 -8.04
C GLU B 16 -11.68 -3.02 -8.29
N ILE B 17 -11.12 -3.98 -7.56
CA ILE B 17 -9.71 -4.33 -7.73
C ILE B 17 -9.50 -5.80 -8.07
N ALA B 18 -9.23 -6.11 -9.34
CA ALA B 18 -8.99 -7.49 -9.74
C ALA B 18 -7.49 -7.69 -9.65
N ALA B 19 -7.01 -8.44 -8.66
CA ALA B 19 -5.57 -8.63 -8.54
C ALA B 19 -5.04 -10.06 -8.66
N ASN B 20 -4.01 -10.22 -9.53
CA ASN B 20 -3.36 -11.51 -9.71
C ASN B 20 -2.65 -11.84 -8.40
N GLU B 21 -2.91 -13.01 -7.83
CA GLU B 21 -2.28 -13.38 -6.58
C GLU B 21 -0.93 -14.09 -6.86
N ARG B 22 0.02 -13.93 -5.96
CA ARG B 22 1.32 -14.56 -6.12
C ARG B 22 1.19 -16.02 -5.66
N ARG B 23 2.12 -16.88 -6.07
CA ARG B 23 2.10 -18.29 -5.66
C ARG B 23 1.75 -18.40 -4.18
N SER B 24 0.79 -19.29 -3.88
CA SER B 24 0.30 -19.51 -2.51
C SER B 24 1.18 -20.39 -1.61
N ARG B 25 0.62 -20.76 -0.46
CA ARG B 25 1.29 -21.59 0.53
C ARG B 25 1.39 -23.04 0.05
N THR B 30 -4.71 -26.24 -8.35
CA THR B 30 -5.23 -24.88 -8.33
C THR B 30 -4.60 -24.01 -9.43
N GLY B 31 -3.37 -23.54 -9.20
CA GLY B 31 -2.69 -22.71 -10.19
C GLY B 31 -2.50 -21.26 -9.75
N PRO B 32 -2.67 -20.34 -10.70
CA PRO B 32 -2.53 -18.91 -10.42
C PRO B 32 -3.89 -18.27 -10.17
N GLU B 33 -4.33 -18.27 -8.92
CA GLU B 33 -5.62 -17.68 -8.56
C GLU B 33 -5.53 -16.15 -8.50
N ILE B 34 -6.63 -15.50 -8.85
CA ILE B 34 -6.71 -14.05 -8.81
C ILE B 34 -7.94 -13.68 -7.98
N THR B 35 -7.77 -12.67 -7.12
CA THR B 35 -8.83 -12.23 -6.21
C THR B 35 -9.48 -10.92 -6.57
N HIS B 36 -10.79 -10.85 -6.39
CA HIS B 36 -11.55 -9.62 -6.63
C HIS B 36 -11.73 -8.87 -5.32
N TYR B 37 -11.71 -7.55 -5.38
CA TYR B 37 -11.87 -6.74 -4.19
C TYR B 37 -12.82 -5.58 -4.46
N TYR B 38 -13.87 -5.49 -3.67
CA TYR B 38 -14.83 -4.43 -3.83
C TYR B 38 -14.64 -3.46 -2.69
N GLN B 39 -13.82 -2.43 -2.91
CA GLN B 39 -13.59 -1.49 -1.83
C GLN B 39 -14.30 -0.17 -1.98
N VAL B 40 -14.82 0.34 -0.88
CA VAL B 40 -15.48 1.63 -0.88
C VAL B 40 -14.90 2.46 0.24
N THR B 41 -14.67 3.73 -0.04
CA THR B 41 -14.11 4.62 0.97
C THR B 41 -15.18 5.42 1.71
N PHE B 42 -15.31 5.16 3.02
CA PHE B 42 -16.28 5.86 3.86
C PHE B 42 -15.59 6.96 4.65
N ARG B 43 -16.18 8.15 4.70
CA ARG B 43 -15.59 9.23 5.49
C ARG B 43 -16.52 9.62 6.63
N LEU B 44 -16.01 9.59 7.87
CA LEU B 44 -16.82 9.96 9.04
C LEU B 44 -17.42 11.35 8.84
N THR B 45 -18.74 11.42 8.98
CA THR B 45 -19.49 12.66 8.80
C THR B 45 -19.48 13.48 10.10
N THR B 46 -18.87 12.92 11.14
CA THR B 46 -18.79 13.60 12.43
C THR B 46 -17.81 14.77 12.37
N ASP B 47 -16.56 14.50 12.72
CA ASP B 47 -15.48 15.50 12.73
C ASP B 47 -14.19 14.84 13.22
N ASP B 48 -14.19 13.52 13.23
CA ASP B 48 -13.05 12.72 13.67
C ASP B 48 -11.93 12.72 12.63
N ARG B 49 -12.17 13.38 11.49
CA ARG B 49 -11.17 13.43 10.41
C ARG B 49 -10.67 12.02 10.20
N LYS B 50 -11.57 11.13 9.79
CA LYS B 50 -11.23 9.74 9.58
C LYS B 50 -11.88 9.15 8.32
N ASP B 51 -11.15 8.33 7.59
CA ASP B 51 -11.64 7.67 6.40
C ASP B 51 -11.48 6.17 6.56
N LEU B 52 -12.52 5.42 6.21
CA LEU B 52 -12.49 3.97 6.29
C LEU B 52 -12.42 3.47 4.86
N VAL B 53 -11.42 2.66 4.55
CA VAL B 53 -11.33 2.13 3.19
C VAL B 53 -11.47 0.61 3.30
N LEU B 54 -12.71 0.17 3.44
CA LEU B 54 -13.02 -1.24 3.60
C LEU B 54 -13.29 -2.00 2.31
N ASN B 55 -13.02 -3.31 2.34
CA ASN B 55 -13.28 -4.19 1.21
C ASN B 55 -14.55 -4.88 1.67
N ILE B 56 -15.58 -4.83 0.84
CA ILE B 56 -16.85 -5.41 1.20
C ILE B 56 -17.28 -6.41 0.15
N ASP B 57 -18.29 -7.22 0.47
CA ASP B 57 -18.81 -8.23 -0.46
C ASP B 57 -19.34 -7.61 -1.76
N LYS B 58 -19.38 -8.42 -2.82
CA LYS B 58 -19.83 -7.93 -4.12
C LYS B 58 -21.22 -7.36 -4.09
N SER B 59 -22.15 -8.11 -3.53
CA SER B 59 -23.53 -7.67 -3.48
C SER B 59 -23.76 -6.30 -2.81
N SER B 60 -23.04 -6.02 -1.72
CA SER B 60 -23.16 -4.73 -1.03
C SER B 60 -22.59 -3.61 -1.90
N TYR B 61 -21.40 -3.86 -2.43
CA TYR B 61 -20.71 -2.91 -3.29
C TYR B 61 -21.67 -2.40 -4.37
N GLN B 62 -22.41 -3.35 -4.95
CA GLN B 62 -23.38 -3.05 -6.01
C GLN B 62 -24.51 -2.12 -5.59
N ASN B 63 -24.69 -1.95 -4.29
CA ASN B 63 -25.76 -1.11 -3.80
C ASN B 63 -25.28 0.12 -3.05
N ILE B 64 -24.00 0.44 -3.19
CA ILE B 64 -23.44 1.61 -2.51
C ILE B 64 -22.82 2.57 -3.52
N GLU B 65 -23.39 3.76 -3.61
CA GLU B 65 -22.86 4.76 -4.53
C GLU B 65 -22.26 5.91 -3.78
N PRO B 66 -21.32 6.62 -4.41
CA PRO B 66 -20.63 7.78 -3.82
C PRO B 66 -21.63 8.94 -3.60
N GLU B 67 -21.49 9.60 -2.46
CA GLU B 67 -22.34 10.72 -2.08
C GLU B 67 -23.55 10.32 -1.21
N MET B 68 -23.70 9.03 -0.94
CA MET B 68 -24.79 8.57 -0.07
C MET B 68 -24.32 8.84 1.36
N LYS B 69 -25.25 9.04 2.28
CA LYS B 69 -24.88 9.26 3.67
C LYS B 69 -25.72 8.35 4.54
N GLY B 70 -25.08 7.73 5.52
CA GLY B 70 -25.83 6.85 6.38
C GLY B 70 -25.09 6.30 7.59
N ARG B 71 -25.60 5.21 8.12
CA ARG B 71 -24.98 4.58 9.27
C ARG B 71 -24.11 3.46 8.74
N LEU B 72 -22.90 3.36 9.28
CA LEU B 72 -22.00 2.31 8.87
C LEU B 72 -21.80 1.40 10.08
N PHE B 73 -22.02 0.10 9.92
CA PHE B 73 -21.81 -0.82 11.04
C PHE B 73 -20.53 -1.61 10.78
N MET B 74 -19.68 -1.68 11.79
CA MET B 74 -18.43 -2.42 11.62
C MET B 74 -18.15 -3.26 12.85
N GLN B 75 -17.68 -4.48 12.61
CA GLN B 75 -17.34 -5.38 13.69
C GLN B 75 -15.82 -5.26 13.69
N GLY B 76 -15.31 -4.49 14.65
CA GLY B 76 -13.88 -4.28 14.70
C GLY B 76 -13.48 -3.48 13.48
N SER B 77 -12.77 -4.14 12.56
CA SER B 77 -12.30 -3.47 11.34
C SER B 77 -12.98 -4.01 10.08
N ARG B 78 -13.84 -5.02 10.29
CA ARG B 78 -14.56 -5.65 9.19
C ARG B 78 -15.88 -4.96 8.91
N PHE B 79 -16.17 -4.72 7.64
CA PHE B 79 -17.41 -4.10 7.23
C PHE B 79 -18.56 -5.04 7.56
N VAL B 80 -19.67 -4.51 8.07
CA VAL B 80 -20.82 -5.36 8.39
C VAL B 80 -22.02 -4.98 7.54
N GLN B 81 -22.25 -3.67 7.44
CA GLN B 81 -23.35 -3.16 6.67
C GLN B 81 -23.34 -1.64 6.58
N PHE B 82 -24.03 -1.12 5.58
CA PHE B 82 -24.13 0.31 5.42
C PHE B 82 -25.58 0.64 5.17
N GLU B 83 -26.19 1.36 6.11
CA GLU B 83 -27.58 1.74 5.99
C GLU B 83 -27.68 3.19 5.56
N THR B 84 -28.30 3.41 4.41
CA THR B 84 -28.45 4.74 3.85
C THR B 84 -29.62 5.49 4.46
N ASP B 85 -29.32 6.63 5.09
CA ASP B 85 -30.32 7.46 5.74
C ASP B 85 -31.62 7.53 4.96
N VAL B 86 -32.67 7.00 5.58
CA VAL B 86 -34.00 6.98 4.98
C VAL B 86 -34.38 8.37 4.42
N PRO B 87 -35.27 8.39 3.43
CA PRO B 87 -35.70 9.63 2.79
C PRO B 87 -36.39 10.64 3.75
N ALA C 2 19.74 13.25 -0.91
CA ALA C 2 20.44 14.31 -0.11
C ALA C 2 19.94 14.31 1.33
N PRO C 3 20.71 14.91 2.26
CA PRO C 3 20.30 14.96 3.67
C PRO C 3 18.98 15.74 3.84
N VAL C 4 18.47 15.75 5.08
CA VAL C 4 17.21 16.44 5.41
C VAL C 4 17.08 17.90 4.89
N LYS C 5 16.14 18.12 3.96
CA LYS C 5 15.89 19.44 3.39
C LYS C 5 14.88 20.22 4.22
N LEU C 6 14.83 21.53 4.03
CA LEU C 6 13.91 22.37 4.80
C LEU C 6 13.04 23.27 3.94
N TYR C 7 11.73 23.27 4.20
CA TYR C 7 10.77 24.10 3.45
C TYR C 7 9.80 24.87 4.36
N MET C 8 9.58 26.15 4.07
CA MET C 8 8.63 26.96 4.85
C MET C 8 7.25 26.46 4.40
N VAL C 9 6.37 26.16 5.34
CA VAL C 9 5.07 25.61 4.94
C VAL C 9 3.89 25.87 5.91
N GLU C 10 2.66 25.74 5.41
CA GLU C 10 1.48 25.90 6.24
C GLU C 10 0.65 24.64 6.12
N VAL C 11 0.07 24.20 7.23
CA VAL C 11 -0.75 22.99 7.27
C VAL C 11 -2.16 23.18 6.73
N ILE C 12 -2.44 22.66 5.54
CA ILE C 12 -3.77 22.82 4.97
C ILE C 12 -4.77 21.84 5.57
N ASP C 13 -4.53 20.55 5.43
CA ASP C 13 -5.47 19.58 5.99
C ASP C 13 -4.80 18.46 6.79
N LYS C 14 -5.62 17.66 7.45
CA LYS C 14 -5.16 16.56 8.28
C LYS C 14 -6.29 15.53 8.28
N LYS C 15 -5.94 14.25 8.18
CA LYS C 15 -6.97 13.21 8.19
C LYS C 15 -6.36 11.86 8.49
N GLU C 16 -7.14 10.98 9.10
CA GLU C 16 -6.68 9.64 9.44
C GLU C 16 -7.29 8.60 8.50
N ILE C 17 -6.47 7.73 7.96
CA ILE C 17 -6.96 6.71 7.05
C ILE C 17 -6.81 5.29 7.56
N ALA C 18 -7.92 4.63 7.85
CA ALA C 18 -7.88 3.25 8.30
C ALA C 18 -8.32 2.48 7.04
N ALA C 19 -7.46 1.59 6.55
CA ALA C 19 -7.77 0.83 5.34
C ALA C 19 -7.49 -0.67 5.44
N ASN C 20 -8.43 -1.48 4.96
CA ASN C 20 -8.31 -2.93 4.98
C ASN C 20 -7.27 -3.39 3.95
N GLU C 21 -6.27 -4.14 4.40
CA GLU C 21 -5.26 -4.63 3.46
C GLU C 21 -5.92 -5.75 2.68
N ARG C 22 -5.58 -5.88 1.40
CA ARG C 22 -6.14 -6.93 0.58
C ARG C 22 -5.67 -8.32 1.02
N ARG C 23 -4.55 -8.80 0.47
CA ARG C 23 -4.05 -10.12 0.85
C ARG C 23 -5.11 -11.22 0.67
N THR C 30 -2.58 -14.39 11.64
CA THR C 30 -3.86 -14.41 10.94
C THR C 30 -4.91 -13.44 11.52
N GLY C 31 -5.91 -13.09 10.68
CA GLY C 31 -6.98 -12.18 11.04
C GLY C 31 -7.28 -11.27 9.86
N PRO C 32 -7.87 -10.09 10.11
CA PRO C 32 -8.13 -9.14 9.01
C PRO C 32 -6.75 -8.53 8.68
N GLU C 33 -6.68 -7.22 8.52
CA GLU C 33 -5.40 -6.58 8.22
C GLU C 33 -5.63 -5.10 8.01
N ILE C 34 -5.37 -4.33 9.06
CA ILE C 34 -5.57 -2.91 8.99
C ILE C 34 -4.30 -2.10 9.04
N THR C 35 -4.27 -1.08 8.20
CA THR C 35 -3.14 -0.18 8.09
C THR C 35 -3.60 1.23 8.37
N HIS C 36 -3.11 1.83 9.44
CA HIS C 36 -3.49 3.21 9.76
C HIS C 36 -2.52 4.22 9.21
N TYR C 37 -3.05 5.20 8.50
CA TYR C 37 -2.25 6.26 7.93
C TYR C 37 -2.66 7.55 8.60
N TYR C 38 -1.64 8.36 8.86
CA TYR C 38 -1.82 9.65 9.48
C TYR C 38 -1.25 10.61 8.45
N GLN C 39 -2.10 11.02 7.51
CA GLN C 39 -1.65 11.94 6.49
C GLN C 39 -2.08 13.39 6.75
N VAL C 40 -1.15 14.30 6.48
CA VAL C 40 -1.41 15.72 6.64
C VAL C 40 -0.97 16.42 5.34
N THR C 41 -1.78 17.38 4.89
CA THR C 41 -1.51 18.14 3.66
C THR C 41 -0.86 19.48 3.95
N PHE C 42 0.30 19.72 3.33
CA PHE C 42 1.04 20.96 3.49
C PHE C 42 1.02 21.82 2.22
N ARG C 43 1.36 23.10 2.37
CA ARG C 43 1.41 24.00 1.21
C ARG C 43 2.67 24.86 1.24
N LEU C 44 3.59 24.64 0.30
CA LEU C 44 4.81 25.43 0.27
C LEU C 44 4.35 26.87 0.05
N THR C 45 4.40 27.66 1.12
CA THR C 45 3.97 29.03 1.10
C THR C 45 5.00 29.98 0.48
N THR C 46 6.27 29.62 0.59
CA THR C 46 7.36 30.44 0.05
C THR C 46 7.17 30.71 -1.43
N ASP C 47 7.21 29.67 -2.25
CA ASP C 47 7.03 29.82 -3.69
C ASP C 47 6.36 28.51 -4.16
N ASP C 48 6.50 28.25 -5.47
CA ASP C 48 6.05 27.02 -6.15
C ASP C 48 4.59 26.50 -6.45
N ARG C 49 4.56 25.16 -6.52
CA ARG C 49 3.47 24.24 -6.85
C ARG C 49 2.28 23.94 -5.95
N LYS C 50 1.74 22.75 -6.19
CA LYS C 50 0.59 22.15 -5.52
C LYS C 50 0.93 21.71 -4.10
N ASP C 51 -0.08 21.20 -3.41
CA ASP C 51 0.05 20.76 -2.02
C ASP C 51 0.77 19.43 -1.83
N LEU C 52 1.36 19.26 -0.65
CA LEU C 52 2.09 18.05 -0.31
C LEU C 52 1.29 17.16 0.61
N VAL C 53 0.99 15.96 0.15
CA VAL C 53 0.25 15.02 0.97
C VAL C 53 1.32 14.06 1.49
N LEU C 54 1.37 13.84 2.79
CA LEU C 54 2.38 12.94 3.35
C LEU C 54 1.84 12.21 4.55
N ASN C 55 2.03 10.90 4.60
CA ASN C 55 1.59 10.15 5.77
C ASN C 55 2.75 10.31 6.73
N ILE C 56 2.47 10.44 8.03
CA ILE C 56 3.53 10.62 9.00
C ILE C 56 3.22 9.83 10.26
N ASP C 57 4.24 9.65 11.09
CA ASP C 57 4.12 8.93 12.36
C ASP C 57 2.94 9.41 13.24
N LYS C 58 2.36 8.48 14.00
CA LYS C 58 1.23 8.81 14.85
C LYS C 58 1.56 9.92 15.84
N SER C 59 2.81 9.98 16.27
CA SER C 59 3.24 10.98 17.24
C SER C 59 3.10 12.42 16.74
N SER C 60 3.73 12.73 15.60
CA SER C 60 3.68 14.07 15.01
C SER C 60 2.24 14.44 14.65
N TYR C 61 1.59 13.54 13.91
CA TYR C 61 0.23 13.72 13.48
C TYR C 61 -0.63 14.41 14.55
N GLN C 62 -0.72 13.78 15.71
CA GLN C 62 -1.53 14.30 16.80
C GLN C 62 -1.26 15.74 17.21
N ASN C 63 -0.04 16.22 16.96
CA ASN C 63 0.33 17.58 17.33
C ASN C 63 0.14 18.59 16.21
N ILE C 64 -0.18 18.10 15.02
CA ILE C 64 -0.38 18.98 13.88
C ILE C 64 -1.84 19.37 13.75
N GLU C 65 -2.12 20.67 13.60
CA GLU C 65 -3.49 21.14 13.41
C GLU C 65 -3.55 22.10 12.23
N PRO C 66 -4.60 22.03 11.41
CA PRO C 66 -4.73 22.91 10.25
C PRO C 66 -4.49 24.39 10.58
N GLU C 67 -3.94 25.14 9.62
CA GLU C 67 -3.64 26.56 9.78
C GLU C 67 -2.31 26.82 10.50
N MET C 68 -1.78 25.79 11.17
CA MET C 68 -0.50 25.91 11.87
C MET C 68 0.54 26.26 10.81
N LYS C 69 1.39 27.24 11.09
CA LYS C 69 2.43 27.65 10.15
C LYS C 69 3.81 27.31 10.71
N GLY C 70 4.67 26.72 9.88
CA GLY C 70 5.99 26.37 10.37
C GLY C 70 6.95 25.87 9.32
N ARG C 71 7.88 25.03 9.75
CA ARG C 71 8.90 24.48 8.86
C ARG C 71 8.75 22.98 8.71
N LEU C 72 8.86 22.50 7.47
CA LEU C 72 8.74 21.07 7.20
C LEU C 72 10.10 20.50 6.85
N PHE C 73 10.57 19.53 7.62
CA PHE C 73 11.86 18.89 7.36
C PHE C 73 11.59 17.54 6.72
N MET C 74 12.08 17.36 5.50
CA MET C 74 11.87 16.11 4.77
C MET C 74 13.19 15.46 4.42
N GLN C 75 13.11 14.33 3.73
CA GLN C 75 14.29 13.58 3.30
C GLN C 75 13.93 12.82 2.03
N GLY C 76 14.32 13.36 0.89
CA GLY C 76 14.00 12.72 -0.39
C GLY C 76 12.57 13.06 -0.79
N SER C 77 11.63 12.57 0.00
CA SER C 77 10.20 12.81 -0.20
C SER C 77 9.48 12.01 0.87
N ARG C 78 10.01 12.07 2.09
CA ARG C 78 9.42 11.38 3.22
C ARG C 78 9.56 12.30 4.43
N PHE C 79 8.46 12.45 5.15
CA PHE C 79 8.38 13.29 6.34
C PHE C 79 9.52 13.03 7.31
N VAL C 80 9.86 14.04 8.11
CA VAL C 80 10.91 13.93 9.12
C VAL C 80 10.45 14.63 10.41
N GLN C 81 10.12 15.90 10.29
CA GLN C 81 9.66 16.67 11.43
C GLN C 81 9.00 17.97 10.95
N PHE C 82 8.09 18.50 11.74
CA PHE C 82 7.42 19.76 11.42
C PHE C 82 7.54 20.69 12.62
N GLU C 83 8.49 21.62 12.55
CA GLU C 83 8.75 22.59 13.62
C GLU C 83 7.90 23.85 13.41
N THR C 84 6.84 23.99 14.20
CA THR C 84 5.99 25.17 14.08
C THR C 84 6.56 26.26 14.96
N ASP C 85 6.38 27.52 14.55
CA ASP C 85 6.88 28.65 15.33
C ASP C 85 6.04 28.75 16.60
N VAL C 86 6.62 29.33 17.66
CA VAL C 86 5.93 29.49 18.93
C VAL C 86 4.51 30.06 18.74
N PRO C 87 3.69 29.96 19.79
CA PRO C 87 2.30 30.45 19.73
C PRO C 87 2.07 31.81 20.42
N PRO D 3 -10.77 -17.05 -24.47
CA PRO D 3 -11.28 -15.79 -25.06
C PRO D 3 -10.47 -14.61 -24.50
N VAL D 4 -10.34 -13.51 -25.24
CA VAL D 4 -9.58 -12.36 -24.75
C VAL D 4 -10.25 -11.01 -24.94
N LYS D 5 -10.50 -10.34 -23.82
CA LYS D 5 -11.15 -9.03 -23.78
C LYS D 5 -10.11 -7.92 -23.91
N LEU D 6 -10.59 -6.73 -24.24
CA LEU D 6 -9.75 -5.55 -24.39
C LEU D 6 -10.16 -4.47 -23.40
N TYR D 7 -9.21 -3.70 -22.88
CA TYR D 7 -9.56 -2.66 -21.93
C TYR D 7 -8.77 -1.38 -22.21
N MET D 8 -9.46 -0.24 -22.17
CA MET D 8 -8.80 1.05 -22.37
C MET D 8 -8.36 1.36 -20.94
N VAL D 9 -7.05 1.35 -20.74
CA VAL D 9 -6.47 1.54 -19.41
C VAL D 9 -5.31 2.54 -19.34
N GLU D 10 -4.93 2.91 -18.13
CA GLU D 10 -3.82 3.82 -17.87
C GLU D 10 -2.96 3.15 -16.84
N VAL D 11 -1.63 3.27 -16.98
CA VAL D 11 -0.72 2.64 -16.03
C VAL D 11 -0.51 3.54 -14.84
N ILE D 12 -0.75 3.00 -13.64
CA ILE D 12 -0.60 3.79 -12.42
C ILE D 12 0.67 3.45 -11.65
N ASP D 13 0.72 2.23 -11.13
CA ASP D 13 1.84 1.78 -10.33
C ASP D 13 2.66 0.80 -11.17
N LYS D 14 3.72 0.30 -10.58
CA LYS D 14 4.59 -0.66 -11.25
C LYS D 14 5.66 -1.05 -10.23
N LYS D 15 5.80 -2.34 -9.95
CA LYS D 15 6.84 -2.72 -9.01
C LYS D 15 7.28 -4.15 -9.22
N GLU D 16 8.47 -4.47 -8.74
CA GLU D 16 9.07 -5.79 -8.87
C GLU D 16 8.94 -6.45 -7.50
N ILE D 17 8.76 -7.77 -7.46
CA ILE D 17 8.63 -8.40 -6.16
C ILE D 17 9.38 -9.72 -6.12
N ALA D 18 10.52 -9.75 -5.43
CA ALA D 18 11.25 -11.00 -5.31
C ALA D 18 10.76 -11.58 -3.98
N ALA D 19 10.04 -12.70 -4.03
CA ALA D 19 9.52 -13.32 -2.79
C ALA D 19 9.93 -14.79 -2.55
N ASN D 20 10.52 -15.08 -1.38
CA ASN D 20 10.93 -16.45 -1.01
C ASN D 20 9.63 -17.26 -0.94
N GLU D 21 9.69 -18.53 -1.33
CA GLU D 21 8.52 -19.40 -1.30
C GLU D 21 8.64 -20.44 -0.19
N ARG D 22 8.53 -21.73 -0.55
CA ARG D 22 8.63 -22.82 0.42
C ARG D 22 10.11 -23.05 0.75
N ARG D 23 10.38 -23.36 2.02
CA ARG D 23 11.75 -23.58 2.51
C ARG D 23 12.57 -24.59 1.70
N SER D 24 13.83 -24.74 2.11
CA SER D 24 14.81 -25.68 1.53
C SER D 24 15.50 -25.12 0.29
N VAL D 29 20.01 -24.77 0.56
CA VAL D 29 21.00 -24.04 -0.24
C VAL D 29 20.99 -22.58 0.20
N THR D 30 21.88 -21.76 -0.36
CA THR D 30 21.89 -20.33 -0.05
C THR D 30 20.89 -19.66 -1.03
N GLY D 31 19.61 -19.85 -0.72
CA GLY D 31 18.48 -19.34 -1.52
C GLY D 31 17.37 -20.33 -1.18
N PRO D 32 16.14 -19.88 -0.90
CA PRO D 32 15.17 -20.94 -0.59
C PRO D 32 14.02 -21.08 -1.55
N GLU D 33 14.27 -21.05 -2.86
CA GLU D 33 13.19 -21.18 -3.85
C GLU D 33 12.36 -19.90 -3.88
N ILE D 34 12.66 -19.02 -4.82
CA ILE D 34 12.00 -17.75 -4.92
C ILE D 34 11.31 -17.55 -6.27
N THR D 35 10.33 -16.65 -6.26
CA THR D 35 9.59 -16.31 -7.46
C THR D 35 9.65 -14.80 -7.63
N HIS D 36 10.14 -14.37 -8.78
CA HIS D 36 10.28 -12.97 -9.10
C HIS D 36 9.00 -12.53 -9.82
N TYR D 37 8.32 -11.53 -9.28
CA TYR D 37 7.08 -11.04 -9.89
C TYR D 37 7.27 -9.64 -10.47
N TYR D 38 6.57 -9.36 -11.56
CA TYR D 38 6.64 -8.05 -12.18
C TYR D 38 5.20 -7.59 -12.30
N GLN D 39 4.70 -6.89 -11.29
CA GLN D 39 3.33 -6.43 -11.32
C GLN D 39 3.22 -4.98 -11.70
N VAL D 40 2.10 -4.65 -12.32
CA VAL D 40 1.84 -3.29 -12.75
C VAL D 40 0.36 -3.09 -12.56
N THR D 41 -0.03 -1.92 -12.06
CA THR D 41 -1.44 -1.66 -11.82
C THR D 41 -2.11 -0.91 -12.98
N PHE D 42 -3.04 -1.56 -13.66
CA PHE D 42 -3.73 -0.91 -14.78
C PHE D 42 -5.11 -0.41 -14.33
N ARG D 43 -5.43 0.84 -14.63
CA ARG D 43 -6.75 1.36 -14.25
C ARG D 43 -7.66 1.69 -15.43
N LEU D 44 -8.88 1.17 -15.44
CA LEU D 44 -9.81 1.42 -16.52
C LEU D 44 -10.10 2.91 -16.74
N THR D 45 -10.16 3.27 -18.01
CA THR D 45 -10.45 4.63 -18.42
C THR D 45 -11.95 4.78 -18.57
N THR D 46 -12.64 3.69 -18.91
CA THR D 46 -14.09 3.68 -19.10
C THR D 46 -14.84 4.19 -17.87
N ASP D 47 -16.17 4.09 -17.89
CA ASP D 47 -17.00 4.56 -16.79
C ASP D 47 -16.71 3.91 -15.44
N ASP D 48 -16.95 2.60 -15.35
CA ASP D 48 -16.73 1.87 -14.09
C ASP D 48 -15.31 2.02 -13.53
N ARG D 49 -15.20 1.93 -12.21
CA ARG D 49 -13.91 2.05 -11.57
C ARG D 49 -13.36 0.65 -11.29
N LYS D 50 -12.42 0.22 -12.10
CA LYS D 50 -11.83 -1.11 -11.98
C LYS D 50 -10.31 -1.02 -12.07
N ASP D 51 -9.60 -1.76 -11.23
CA ASP D 51 -8.13 -1.75 -11.27
C ASP D 51 -7.63 -3.17 -11.50
N LEU D 52 -6.76 -3.32 -12.48
CA LEU D 52 -6.18 -4.61 -12.82
C LEU D 52 -4.76 -4.65 -12.30
N VAL D 53 -4.54 -5.44 -11.27
CA VAL D 53 -3.21 -5.57 -10.70
C VAL D 53 -2.71 -6.94 -11.15
N LEU D 54 -1.92 -6.91 -12.21
CA LEU D 54 -1.40 -8.11 -12.85
C LEU D 54 0.10 -8.35 -12.78
N ASN D 55 0.46 -9.62 -12.62
CA ASN D 55 1.88 -10.04 -12.64
C ASN D 55 2.08 -10.38 -14.12
N ILE D 56 3.03 -9.72 -14.77
CA ILE D 56 3.26 -9.95 -16.18
C ILE D 56 4.74 -10.32 -16.41
N ASP D 57 5.12 -10.53 -17.66
CA ASP D 57 6.49 -10.91 -18.05
C ASP D 57 7.55 -9.81 -17.87
N LYS D 58 8.77 -10.21 -17.51
CA LYS D 58 9.86 -9.26 -17.31
C LYS D 58 9.98 -8.31 -18.50
N SER D 59 9.94 -8.90 -19.69
CA SER D 59 10.07 -8.15 -20.92
C SER D 59 9.07 -7.01 -21.03
N SER D 60 7.78 -7.33 -21.02
CA SER D 60 6.74 -6.32 -21.11
C SER D 60 6.92 -5.28 -20.03
N TYR D 61 7.14 -5.75 -18.80
CA TYR D 61 7.31 -4.91 -17.64
C TYR D 61 8.26 -3.75 -17.90
N GLN D 62 9.37 -4.04 -18.54
CA GLN D 62 10.38 -3.02 -18.81
C GLN D 62 9.97 -1.98 -19.82
N ASN D 63 9.01 -2.29 -20.68
CA ASN D 63 8.55 -1.32 -21.65
C ASN D 63 7.25 -0.67 -21.18
N ILE D 64 6.95 -0.85 -19.90
CA ILE D 64 5.75 -0.25 -19.34
C ILE D 64 6.13 0.76 -18.29
N GLU D 65 5.62 1.98 -18.45
CA GLU D 65 5.90 3.05 -17.49
C GLU D 65 4.61 3.76 -17.05
N PRO D 66 4.58 4.26 -15.81
CA PRO D 66 3.42 4.96 -15.25
C PRO D 66 2.98 6.19 -16.05
N GLU D 67 1.67 6.32 -16.22
CA GLU D 67 1.04 7.42 -16.95
C GLU D 67 0.71 7.02 -18.38
N MET D 68 1.29 5.91 -18.84
CA MET D 68 1.02 5.42 -20.19
C MET D 68 -0.45 5.05 -20.33
N LYS D 69 -1.01 5.35 -21.48
CA LYS D 69 -2.41 5.05 -21.75
C LYS D 69 -2.44 4.15 -22.98
N GLY D 70 -3.39 3.22 -23.02
CA GLY D 70 -3.44 2.35 -24.16
C GLY D 70 -4.44 1.22 -24.05
N ARG D 71 -4.21 0.17 -24.82
CA ARG D 71 -5.09 -0.97 -24.82
C ARG D 71 -4.42 -2.09 -24.06
N LEU D 72 -5.18 -2.76 -23.20
CA LEU D 72 -4.69 -3.88 -22.41
C LEU D 72 -5.46 -5.09 -22.87
N PHE D 73 -4.74 -6.16 -23.20
CA PHE D 73 -5.35 -7.39 -23.67
C PHE D 73 -5.22 -8.47 -22.63
N MET D 74 -6.35 -8.86 -22.02
CA MET D 74 -6.33 -9.91 -21.02
C MET D 74 -7.08 -11.13 -21.52
N GLN D 75 -6.54 -12.31 -21.25
CA GLN D 75 -7.21 -13.55 -21.63
C GLN D 75 -7.60 -14.12 -20.27
N GLY D 76 -8.86 -13.95 -19.93
CA GLY D 76 -9.31 -14.40 -18.63
C GLY D 76 -8.82 -13.31 -17.69
N SER D 77 -8.02 -13.70 -16.72
CA SER D 77 -7.48 -12.75 -15.75
C SER D 77 -5.95 -12.81 -15.84
N ARG D 78 -5.47 -13.15 -17.04
CA ARG D 78 -4.05 -13.25 -17.29
C ARG D 78 -3.63 -12.19 -18.30
N PHE D 79 -2.47 -11.58 -18.07
CA PHE D 79 -1.95 -10.56 -18.96
C PHE D 79 -1.51 -11.15 -20.30
N VAL D 80 -1.81 -10.45 -21.40
CA VAL D 80 -1.41 -10.91 -22.73
C VAL D 80 -0.54 -9.82 -23.38
N GLN D 81 -1.05 -8.59 -23.42
CA GLN D 81 -0.31 -7.49 -24.02
C GLN D 81 -0.85 -6.09 -23.66
N PHE D 82 0.00 -5.09 -23.84
CA PHE D 82 -0.39 -3.72 -23.57
C PHE D 82 0.28 -2.83 -24.60
N GLU D 83 -0.53 -2.25 -25.48
CA GLU D 83 -0.04 -1.39 -26.55
C GLU D 83 -0.34 0.07 -26.22
N THR D 84 0.68 0.79 -25.76
CA THR D 84 0.52 2.19 -25.42
C THR D 84 0.15 2.97 -26.66
N ASP D 85 -0.93 3.72 -26.57
CA ASP D 85 -1.36 4.50 -27.71
C ASP D 85 -0.51 5.77 -27.79
N VAL D 86 0.70 5.65 -28.32
CA VAL D 86 1.63 6.80 -28.46
C VAL D 86 2.50 6.71 -29.73
#